data_3IU8
#
_entry.id   3IU8
#
_cell.length_a   105.728
_cell.length_b   105.728
_cell.length_c   50.427
_cell.angle_alpha   90.000
_cell.angle_beta   90.000
_cell.angle_gamma   120.000
#
_symmetry.space_group_name_H-M   'P 63'
#
loop_
_entity.id
_entity.type
_entity.pdbx_description
1 polymer 'Methionine aminopeptidase'
2 non-polymer 'NICKEL (II) ION'
3 non-polymer 3-[(4-fluorobenzyl)sulfanyl]-4H-1,2,4-triazole
4 non-polymer 'SULFATE ION'
5 non-polymer 'CHLORIDE ION'
6 water water
#
_entity_poly.entity_id   1
_entity_poly.type   'polypeptide(L)'
_entity_poly.pdbx_seq_one_letter_code
;MASMPSRTALSPGVLSPTRPVPNWIARPEYVGKPAAQEGSEPWVQTPEVIEKMRVAGRIAAGALAEAGKAVAPGVTTDEL
DRIAHEYLVDNGAYPSTLGYKGFPKSCCTSLNEVICHGIPDSTVITDGDIVNIDVTAYIGGVHGDTNATFPAGDVADEHR
LLVDRTREATMRAINTVKPGRALSVIGRVIESYANRFGYNVVRDFTGHGIGTTFHNGLVVLHYDQPAVETIMQPGMTFTI
EPMINLGALDYEIWDDGWTVVTKDRKWTAQFEHTLLVTDTGVEILTCL
;
_entity_poly.pdbx_strand_id   A
#
# COMPACT_ATOMS: atom_id res chain seq x y z
N PRO A 5 -14.33 -6.24 23.50
CA PRO A 5 -13.74 -4.90 23.41
C PRO A 5 -12.41 -4.92 22.66
N SER A 6 -12.04 -3.80 22.05
CA SER A 6 -10.80 -3.68 21.31
C SER A 6 -9.81 -2.81 22.04
N ARG A 7 -8.57 -2.84 21.54
CA ARG A 7 -7.50 -2.04 22.09
C ARG A 7 -7.86 -0.56 22.09
N THR A 8 -7.22 0.24 22.95
CA THR A 8 -7.31 1.71 22.84
C THR A 8 -6.15 2.40 22.03
N ALA A 9 -6.11 3.76 22.01
CA ALA A 9 -5.27 4.51 21.07
C ALA A 9 -3.80 4.08 21.09
N LEU A 10 -3.18 3.88 19.92
CA LEU A 10 -1.73 3.55 19.85
C LEU A 10 -0.83 4.71 20.20
N SER A 11 0.39 4.40 20.65
CA SER A 11 1.50 5.37 20.76
C SER A 11 2.72 4.79 20.04
N PRO A 12 3.67 5.62 19.59
CA PRO A 12 4.90 5.15 18.94
C PRO A 12 5.84 4.37 19.92
N GLY A 13 6.50 3.33 19.44
CA GLY A 13 7.46 2.51 20.19
C GLY A 13 8.84 2.83 19.69
N VAL A 14 9.82 1.91 19.84
CA VAL A 14 11.22 2.20 19.51
C VAL A 14 11.56 1.38 18.28
N LEU A 15 12.45 1.92 17.46
CA LEU A 15 12.83 1.21 16.24
C LEU A 15 14.01 0.35 16.50
N SER A 16 14.08 -0.80 15.81
CA SER A 16 15.27 -1.61 15.74
C SER A 16 16.36 -0.97 14.89
N PRO A 17 17.59 -1.44 14.98
CA PRO A 17 18.65 -0.88 14.14
C PRO A 17 18.27 -1.03 12.65
N THR A 18 18.87 -0.19 11.79
CA THR A 18 18.62 -0.31 10.31
C THR A 18 19.02 -1.70 9.80
N ARG A 19 18.17 -2.28 8.98
CA ARG A 19 18.46 -3.62 8.43
C ARG A 19 19.33 -3.46 7.16
N PRO A 20 20.41 -4.25 7.07
CA PRO A 20 21.32 -4.08 5.93
C PRO A 20 20.80 -4.78 4.65
N VAL A 21 21.27 -4.25 3.51
CA VAL A 21 21.00 -4.88 2.21
C VAL A 21 22.37 -5.20 1.53
N PRO A 22 22.55 -6.46 1.07
CA PRO A 22 23.81 -6.77 0.40
C PRO A 22 24.13 -5.78 -0.73
N ASN A 23 25.42 -5.49 -0.91
CA ASN A 23 25.80 -4.47 -1.88
C ASN A 23 25.49 -4.76 -3.32
N TRP A 24 25.43 -6.03 -3.67
CA TRP A 24 25.05 -6.44 -5.05
C TRP A 24 23.61 -6.13 -5.46
N ILE A 25 22.76 -5.77 -4.49
CA ILE A 25 21.41 -5.35 -4.77
C ILE A 25 21.39 -3.86 -5.11
N ALA A 26 20.99 -3.51 -6.36
CA ALA A 26 20.98 -2.09 -6.77
C ALA A 26 19.96 -1.30 -5.94
N ARG A 27 20.38 -0.11 -5.51
CA ARG A 27 19.53 0.77 -4.79
C ARG A 27 18.72 1.64 -5.73
N PRO A 28 17.46 1.97 -5.33
CA PRO A 28 16.81 3.04 -6.11
C PRO A 28 17.61 4.35 -5.91
N GLU A 29 17.51 5.30 -6.83
CA GLU A 29 18.37 6.47 -6.80
C GLU A 29 18.25 7.32 -5.52
N TYR A 30 17.10 7.24 -4.90
CA TYR A 30 16.73 8.20 -3.85
C TYR A 30 17.27 7.78 -2.48
N VAL A 31 17.88 6.60 -2.41
CA VAL A 31 18.34 6.08 -1.11
C VAL A 31 19.57 6.99 -0.74
N GLY A 32 19.49 7.59 0.42
CA GLY A 32 20.58 8.44 0.92
C GLY A 32 20.41 9.91 0.51
N LYS A 33 19.28 10.24 -0.17
CA LYS A 33 18.99 11.62 -0.67
C LYS A 33 17.75 12.16 0.05
N PRO A 34 17.54 13.52 0.15
CA PRO A 34 16.35 13.94 0.91
C PRO A 34 15.02 13.77 0.17
N ALA A 35 15.06 13.79 -1.16
CA ALA A 35 13.84 13.60 -1.98
C ALA A 35 14.07 12.54 -3.06
N ALA A 36 13.08 12.34 -3.91
CA ALA A 36 13.12 11.27 -4.94
C ALA A 36 12.99 11.88 -6.32
N GLN A 37 13.69 11.29 -7.27
CA GLN A 37 13.53 11.65 -8.66
C GLN A 37 12.36 10.90 -9.38
N GLU A 38 11.18 11.51 -9.32
CA GLU A 38 9.91 10.82 -9.75
C GLU A 38 8.81 11.86 -9.97
N GLY A 39 7.74 11.51 -10.71
CA GLY A 39 6.63 12.45 -10.83
C GLY A 39 6.53 13.05 -12.25
N SER A 40 7.49 12.75 -13.15
CA SER A 40 7.45 13.33 -14.53
C SER A 40 7.74 12.27 -15.61
N GLU A 41 7.43 11.02 -15.31
CA GLU A 41 7.71 9.85 -16.25
C GLU A 41 6.44 9.53 -17.07
N PRO A 42 6.64 8.89 -18.24
CA PRO A 42 5.50 8.41 -19.06
C PRO A 42 4.66 7.40 -18.30
N TRP A 43 3.37 7.36 -18.59
CA TRP A 43 2.44 6.50 -17.84
C TRP A 43 2.31 5.14 -18.50
N VAL A 44 2.51 5.07 -19.82
CA VAL A 44 2.43 3.76 -20.54
C VAL A 44 3.81 3.11 -20.57
N GLN A 45 3.92 1.81 -20.24
CA GLN A 45 5.23 1.14 -20.18
C GLN A 45 5.46 0.36 -21.42
N THR A 46 6.74 0.18 -21.72
CA THR A 46 7.20 -0.79 -22.72
C THR A 46 7.02 -2.22 -22.29
N PRO A 47 6.91 -3.15 -23.25
CA PRO A 47 6.75 -4.56 -22.97
C PRO A 47 7.90 -5.08 -22.03
N GLU A 48 9.11 -4.56 -22.23
CA GLU A 48 10.29 -5.03 -21.42
C GLU A 48 10.15 -4.55 -19.97
N VAL A 49 9.71 -3.30 -19.79
CA VAL A 49 9.45 -2.77 -18.47
C VAL A 49 8.32 -3.62 -17.81
N ILE A 50 7.23 -3.90 -18.54
CA ILE A 50 6.13 -4.67 -17.96
C ILE A 50 6.58 -6.06 -17.50
N GLU A 51 7.43 -6.71 -18.31
CA GLU A 51 7.92 -8.02 -17.89
C GLU A 51 8.73 -7.93 -16.56
N LYS A 52 9.55 -6.90 -16.41
CA LYS A 52 10.31 -6.72 -15.12
C LYS A 52 9.38 -6.38 -13.96
N MET A 53 8.33 -5.63 -14.26
CA MET A 53 7.34 -5.36 -13.19
C MET A 53 6.52 -6.61 -12.72
N ARG A 54 6.29 -7.56 -13.61
CA ARG A 54 5.73 -8.84 -13.20
C ARG A 54 6.59 -9.52 -12.15
N VAL A 55 7.91 -9.47 -12.35
CA VAL A 55 8.89 -10.03 -11.34
C VAL A 55 8.83 -9.26 -10.07
N ALA A 56 9.02 -7.93 -10.12
CA ALA A 56 8.96 -7.08 -8.91
C ALA A 56 7.64 -7.28 -8.17
N GLY A 57 6.53 -7.35 -8.92
CA GLY A 57 5.17 -7.43 -8.30
C GLY A 57 5.05 -8.75 -7.60
N ARG A 58 5.58 -9.84 -8.19
CA ARG A 58 5.39 -11.16 -7.55
C ARG A 58 6.26 -11.30 -6.31
N ILE A 59 7.50 -10.76 -6.35
CA ILE A 59 8.33 -10.68 -5.14
C ILE A 59 7.67 -9.88 -4.04
N ALA A 60 7.10 -8.74 -4.36
CA ALA A 60 6.42 -7.92 -3.34
C ALA A 60 5.27 -8.69 -2.78
N ALA A 61 4.51 -9.37 -3.67
CA ALA A 61 3.35 -10.16 -3.22
C ALA A 61 3.79 -11.27 -2.25
N GLY A 62 4.98 -11.78 -2.48
CA GLY A 62 5.54 -12.87 -1.65
C GLY A 62 5.86 -12.28 -0.31
N ALA A 63 6.51 -11.13 -0.31
CA ALA A 63 6.92 -10.51 0.96
C ALA A 63 5.65 -10.19 1.81
N LEU A 64 4.65 -9.61 1.18
CA LEU A 64 3.39 -9.33 1.86
C LEU A 64 2.70 -10.61 2.43
N ALA A 65 2.75 -11.71 1.65
CA ALA A 65 2.07 -12.92 2.09
C ALA A 65 2.78 -13.52 3.28
N GLU A 66 4.12 -13.48 3.24
CA GLU A 66 4.92 -14.11 4.34
C GLU A 66 4.80 -13.25 5.60
N ALA A 67 4.90 -11.94 5.43
CA ALA A 67 4.63 -11.12 6.62
C ALA A 67 3.18 -11.21 7.13
N GLY A 68 2.21 -11.21 6.22
CA GLY A 68 0.81 -11.37 6.59
C GLY A 68 0.55 -12.68 7.34
N LYS A 69 1.14 -13.79 6.87
CA LYS A 69 1.01 -15.08 7.56
C LYS A 69 1.44 -14.97 9.04
N ALA A 70 2.40 -14.08 9.34
CA ALA A 70 2.88 -13.95 10.71
C ALA A 70 2.02 -13.06 11.60
N VAL A 71 0.99 -12.38 11.03
CA VAL A 71 0.22 -11.41 11.84
C VAL A 71 -0.63 -12.24 12.87
N ALA A 72 -0.41 -11.98 14.15
CA ALA A 72 -1.01 -12.74 15.27
C ALA A 72 -0.78 -11.94 16.52
N PRO A 73 -1.68 -12.09 17.52
CA PRO A 73 -1.44 -11.51 18.83
C PRO A 73 -0.06 -11.89 19.28
N GLY A 74 0.65 -10.94 19.88
CA GLY A 74 1.96 -11.23 20.45
C GLY A 74 3.15 -10.86 19.56
N VAL A 75 2.88 -10.70 18.26
CA VAL A 75 3.94 -10.44 17.28
C VAL A 75 4.13 -8.91 17.18
N THR A 76 5.35 -8.43 17.06
CA THR A 76 5.49 -6.98 16.97
C THR A 76 5.50 -6.52 15.48
N THR A 77 5.24 -5.23 15.24
CA THR A 77 5.32 -4.76 13.84
C THR A 77 6.77 -4.84 13.33
N ASP A 78 7.77 -4.67 14.21
CA ASP A 78 9.13 -4.82 13.76
C ASP A 78 9.39 -6.22 13.29
N GLU A 79 8.79 -7.22 13.98
CA GLU A 79 8.94 -8.67 13.53
C GLU A 79 8.39 -8.87 12.09
N LEU A 80 7.31 -8.19 11.76
CA LEU A 80 6.71 -8.27 10.38
C LEU A 80 7.71 -7.62 9.40
N ASP A 81 8.33 -6.51 9.82
CA ASP A 81 9.33 -5.85 8.95
C ASP A 81 10.51 -6.77 8.72
N ARG A 82 11.00 -7.44 9.76
CA ARG A 82 12.14 -8.33 9.53
C ARG A 82 11.80 -9.42 8.49
N ILE A 83 10.58 -9.95 8.52
CA ILE A 83 10.14 -11.02 7.60
C ILE A 83 10.09 -10.45 6.20
N ALA A 84 9.48 -9.28 6.04
CA ALA A 84 9.39 -8.64 4.71
C ALA A 84 10.77 -8.35 4.17
N HIS A 85 11.60 -7.70 4.99
CA HIS A 85 12.94 -7.34 4.59
C HIS A 85 13.73 -8.53 4.09
N GLU A 86 13.75 -9.57 4.90
CA GLU A 86 14.51 -10.76 4.55
C GLU A 86 14.00 -11.42 3.29
N TYR A 87 12.68 -11.48 3.17
CA TYR A 87 12.09 -12.08 1.90
C TYR A 87 12.56 -11.29 0.67
N LEU A 88 12.53 -9.93 0.79
CA LEU A 88 12.93 -9.07 -0.37
C LEU A 88 14.41 -9.28 -0.73
N VAL A 89 15.27 -9.13 0.28
CA VAL A 89 16.74 -9.24 0.01
C VAL A 89 17.16 -10.65 -0.41
N ASP A 90 16.54 -11.71 0.14
CA ASP A 90 16.94 -13.04 -0.28
C ASP A 90 16.48 -13.30 -1.72
N ASN A 91 15.48 -12.51 -2.17
CA ASN A 91 15.05 -12.49 -3.58
C ASN A 91 15.79 -11.50 -4.47
N GLY A 92 16.87 -10.92 -3.94
CA GLY A 92 17.63 -9.93 -4.74
C GLY A 92 16.99 -8.59 -4.96
N ALA A 93 15.95 -8.25 -4.18
CA ALA A 93 15.13 -7.01 -4.35
C ALA A 93 15.48 -6.04 -3.21
N TYR A 94 15.45 -4.76 -3.52
CA TYR A 94 15.73 -3.71 -2.53
C TYR A 94 14.29 -3.33 -2.00
N PRO A 95 14.11 -3.15 -0.68
CA PRO A 95 12.80 -2.71 -0.22
C PRO A 95 12.60 -1.21 -0.48
N SER A 96 11.74 -0.86 -1.46
CA SER A 96 11.59 0.52 -1.89
C SER A 96 11.38 1.57 -0.77
N THR A 97 10.66 1.21 0.30
CA THR A 97 10.45 2.23 1.37
C THR A 97 11.76 2.58 2.11
N LEU A 98 12.74 1.68 2.09
CA LEU A 98 13.91 1.82 3.02
C LEU A 98 14.80 2.95 2.54
N GLY A 99 14.75 4.10 3.20
CA GLY A 99 15.56 5.21 2.77
C GLY A 99 14.77 6.13 1.84
N TYR A 100 13.49 5.86 1.60
CA TYR A 100 12.65 6.71 0.68
C TYR A 100 12.23 7.95 1.46
N LYS A 101 12.77 9.11 1.08
CA LYS A 101 12.61 10.33 1.88
C LYS A 101 12.97 10.10 3.38
N GLY A 102 13.99 9.27 3.64
CA GLY A 102 14.40 8.99 5.03
C GLY A 102 13.55 7.94 5.76
N PHE A 103 12.51 7.38 5.12
CA PHE A 103 11.71 6.36 5.84
C PHE A 103 12.67 5.24 6.34
N PRO A 104 12.56 4.82 7.62
CA PRO A 104 13.67 4.07 8.26
C PRO A 104 13.49 2.54 8.14
N LYS A 105 12.34 2.08 7.58
CA LYS A 105 12.13 0.62 7.53
C LYS A 105 11.84 0.10 6.11
N SER A 106 11.48 -1.18 6.02
CA SER A 106 11.37 -1.85 4.73
C SER A 106 9.95 -2.13 4.33
N CYS A 107 9.03 -1.76 5.19
CA CYS A 107 7.60 -1.78 4.84
C CYS A 107 6.88 -0.82 5.82
N CYS A 108 5.58 -0.54 5.58
CA CYS A 108 4.75 0.27 6.53
C CYS A 108 3.81 -0.69 7.18
N THR A 109 3.66 -0.54 8.51
CA THR A 109 2.73 -1.35 9.23
C THR A 109 1.77 -0.42 9.99
N SER A 110 0.47 -0.48 9.64
CA SER A 110 -0.48 0.56 10.07
C SER A 110 -1.68 -0.19 10.71
N LEU A 111 -1.70 -0.17 12.02
CA LEU A 111 -2.78 -0.80 12.79
C LEU A 111 -3.91 0.15 12.99
N ASN A 112 -5.14 -0.38 12.96
CA ASN A 112 -6.27 0.27 13.68
C ASN A 112 -6.56 1.67 13.17
N GLU A 113 -6.29 2.70 13.95
CA GLU A 113 -6.57 4.08 13.53
C GLU A 113 -5.48 4.70 12.63
N VAL A 114 -4.41 3.96 12.33
CA VAL A 114 -3.31 4.50 11.53
C VAL A 114 -3.79 4.36 10.08
N ILE A 115 -3.94 5.52 9.44
CA ILE A 115 -4.38 5.55 8.03
C ILE A 115 -3.32 4.92 7.11
N CYS A 116 -2.07 5.33 7.33
CA CYS A 116 -0.92 4.82 6.55
C CYS A 116 0.37 5.23 7.12
N HIS A 117 1.43 4.63 6.54
CA HIS A 117 2.81 4.99 6.84
C HIS A 117 3.27 4.75 8.29
N GLY A 118 2.63 3.85 8.97
CA GLY A 118 3.12 3.32 10.27
C GLY A 118 4.51 2.76 10.12
N ILE A 119 5.34 3.05 11.11
CA ILE A 119 6.72 2.63 11.09
C ILE A 119 6.84 1.37 11.95
N PRO A 120 7.27 0.21 11.35
CA PRO A 120 7.52 -1.02 12.17
C PRO A 120 8.43 -0.70 13.37
N ASP A 121 8.00 -1.16 14.54
CA ASP A 121 8.70 -0.84 15.75
C ASP A 121 8.35 -1.88 16.86
N SER A 122 8.59 -1.48 18.11
CA SER A 122 8.31 -2.42 19.22
C SER A 122 6.85 -2.68 19.55
N THR A 123 5.94 -1.99 18.84
CA THR A 123 4.47 -2.17 19.04
C THR A 123 4.06 -3.62 18.95
N VAL A 124 3.36 -4.09 20.00
CA VAL A 124 2.88 -5.49 20.04
C VAL A 124 1.47 -5.56 19.48
N ILE A 125 1.27 -6.46 18.53
CA ILE A 125 -0.05 -6.69 17.92
C ILE A 125 -0.92 -7.41 18.95
N THR A 126 -2.21 -7.05 19.05
CA THR A 126 -3.02 -7.76 20.03
C THR A 126 -4.36 -8.26 19.46
N ASP A 127 -5.04 -9.21 20.12
CA ASP A 127 -6.35 -9.65 19.66
C ASP A 127 -7.30 -8.48 19.35
N GLY A 128 -8.01 -8.67 18.25
CA GLY A 128 -8.93 -7.69 17.67
C GLY A 128 -8.28 -6.60 16.82
N ASP A 129 -6.95 -6.53 16.73
CA ASP A 129 -6.31 -5.50 15.87
C ASP A 129 -6.58 -5.83 14.38
N ILE A 130 -6.51 -4.78 13.54
CA ILE A 130 -6.44 -4.94 12.07
C ILE A 130 -5.09 -4.30 11.66
N VAL A 131 -4.30 -5.05 10.91
CA VAL A 131 -2.89 -4.68 10.67
C VAL A 131 -2.72 -4.57 9.16
N ASN A 132 -2.53 -3.34 8.69
CA ASN A 132 -2.17 -3.22 7.27
C ASN A 132 -0.65 -3.33 7.13
N ILE A 133 -0.17 -4.11 6.13
CA ILE A 133 1.27 -4.19 5.86
C ILE A 133 1.38 -3.76 4.39
N ASP A 134 2.29 -2.81 4.11
CA ASP A 134 2.42 -2.24 2.75
C ASP A 134 3.87 -2.43 2.37
N VAL A 135 4.12 -3.14 1.27
CA VAL A 135 5.50 -3.43 0.97
C VAL A 135 5.72 -3.25 -0.52
N THR A 136 6.90 -2.70 -0.85
CA THR A 136 7.24 -2.42 -2.29
C THR A 136 8.65 -2.96 -2.58
N ALA A 137 8.78 -3.64 -3.71
CA ALA A 137 10.06 -4.22 -4.10
C ALA A 137 10.62 -3.47 -5.23
N TYR A 138 11.94 -3.19 -5.14
CA TYR A 138 12.66 -2.60 -6.29
C TYR A 138 13.66 -3.59 -6.84
N ILE A 139 13.45 -4.04 -8.09
CA ILE A 139 14.29 -5.09 -8.68
C ILE A 139 14.19 -4.98 -10.18
N GLY A 140 15.30 -5.18 -10.87
CA GLY A 140 15.24 -5.00 -12.37
C GLY A 140 14.91 -3.54 -12.70
N GLY A 141 15.28 -2.58 -11.84
CA GLY A 141 15.06 -1.17 -12.15
C GLY A 141 13.61 -0.68 -12.12
N VAL A 142 12.72 -1.51 -11.57
CA VAL A 142 11.25 -1.16 -11.48
C VAL A 142 10.72 -1.50 -10.10
N HIS A 143 9.53 -0.97 -9.76
CA HIS A 143 8.94 -1.14 -8.46
C HIS A 143 7.67 -1.97 -8.60
N GLY A 144 7.33 -2.66 -7.52
CA GLY A 144 6.03 -3.31 -7.42
C GLY A 144 5.54 -3.13 -6.00
N ASP A 145 4.30 -2.70 -5.87
CA ASP A 145 3.77 -2.11 -4.63
C ASP A 145 2.43 -2.80 -4.23
N THR A 146 2.29 -3.25 -2.98
CA THR A 146 1.06 -3.94 -2.59
C THR A 146 0.85 -3.92 -1.11
N ASN A 147 -0.42 -3.97 -0.73
CA ASN A 147 -0.74 -3.93 0.70
C ASN A 147 -2.01 -4.69 1.04
N ALA A 148 -2.17 -5.12 2.30
CA ALA A 148 -3.44 -5.73 2.68
C ALA A 148 -3.59 -5.54 4.17
N THR A 149 -4.86 -5.60 4.62
CA THR A 149 -5.14 -5.45 6.08
C THR A 149 -5.50 -6.82 6.62
N PHE A 150 -4.79 -7.23 7.69
CA PHE A 150 -4.91 -8.62 8.22
C PHE A 150 -5.48 -8.52 9.64
N PRO A 151 -6.52 -9.32 9.93
CA PRO A 151 -7.07 -9.36 11.28
C PRO A 151 -6.15 -10.16 12.23
N ALA A 152 -6.01 -9.71 13.48
CA ALA A 152 -5.20 -10.43 14.49
C ALA A 152 -6.18 -11.02 15.51
N GLY A 153 -6.30 -12.36 15.53
CA GLY A 153 -7.28 -13.02 16.42
C GLY A 153 -8.69 -12.67 15.98
N ASP A 154 -9.65 -12.67 16.91
CA ASP A 154 -11.03 -12.37 16.61
C ASP A 154 -11.24 -10.85 16.68
N VAL A 155 -11.69 -10.28 15.57
CA VAL A 155 -11.87 -8.86 15.43
C VAL A 155 -13.39 -8.52 15.63
N ALA A 156 -13.71 -7.38 16.24
CA ALA A 156 -15.13 -7.00 16.51
C ALA A 156 -15.84 -6.93 15.15
N ASP A 157 -17.13 -7.33 15.11
CA ASP A 157 -17.93 -7.28 13.86
C ASP A 157 -17.77 -5.99 13.02
N GLU A 158 -17.80 -4.81 13.63
CA GLU A 158 -17.69 -3.58 12.83
C GLU A 158 -16.34 -3.42 12.15
N HIS A 159 -15.28 -3.78 12.87
CA HIS A 159 -13.93 -3.75 12.26
C HIS A 159 -13.74 -4.86 11.21
N ARG A 160 -14.30 -6.05 11.45
CA ARG A 160 -14.21 -7.15 10.49
C ARG A 160 -14.96 -6.78 9.18
N LEU A 161 -16.13 -6.13 9.33
CA LEU A 161 -16.85 -5.74 8.13
C LEU A 161 -16.12 -4.59 7.42
N LEU A 162 -15.55 -3.67 8.16
CA LEU A 162 -14.74 -2.59 7.50
C LEU A 162 -13.61 -3.20 6.60
N VAL A 163 -12.86 -4.17 7.14
CA VAL A 163 -11.78 -4.85 6.36
C VAL A 163 -12.35 -5.56 5.16
N ASP A 164 -13.39 -6.38 5.36
CA ASP A 164 -13.97 -7.12 4.24
C ASP A 164 -14.56 -6.26 3.12
N ARG A 165 -15.18 -5.17 3.52
CA ARG A 165 -15.84 -4.32 2.53
C ARG A 165 -14.76 -3.50 1.85
N THR A 166 -13.68 -3.19 2.56
CA THR A 166 -12.53 -2.44 1.90
C THR A 166 -11.87 -3.36 0.84
N ARG A 167 -11.68 -4.64 1.19
CA ARG A 167 -11.13 -5.60 0.21
C ARG A 167 -12.09 -5.71 -0.99
N GLU A 168 -13.38 -5.86 -0.72
CA GLU A 168 -14.39 -5.92 -1.84
C GLU A 168 -14.39 -4.60 -2.72
N ALA A 169 -14.31 -3.43 -2.07
CA ALA A 169 -14.24 -2.15 -2.81
C ALA A 169 -13.03 -2.15 -3.75
N THR A 170 -11.92 -2.64 -3.23
CA THR A 170 -10.68 -2.70 -4.01
C THR A 170 -10.86 -3.65 -5.20
N MET A 171 -11.41 -4.85 -4.97
CA MET A 171 -11.58 -5.79 -6.09
C MET A 171 -12.59 -5.25 -7.12
N ARG A 172 -13.69 -4.65 -6.66
CA ARG A 172 -14.66 -4.06 -7.59
C ARG A 172 -13.96 -3.00 -8.48
N ALA A 173 -13.12 -2.14 -7.88
CA ALA A 173 -12.36 -1.11 -8.68
C ALA A 173 -11.42 -1.79 -9.68
N ILE A 174 -10.73 -2.85 -9.24
CA ILE A 174 -9.76 -3.50 -10.14
C ILE A 174 -10.55 -4.09 -11.33
N ASN A 175 -11.72 -4.65 -11.04
CA ASN A 175 -12.47 -5.27 -12.16
C ASN A 175 -13.08 -4.23 -13.07
N THR A 176 -13.04 -2.95 -12.74
CA THR A 176 -13.43 -1.96 -13.76
C THR A 176 -12.29 -1.59 -14.71
N VAL A 177 -11.06 -2.06 -14.49
CA VAL A 177 -9.94 -1.59 -15.32
C VAL A 177 -9.96 -2.23 -16.73
N LYS A 178 -10.02 -1.38 -17.75
CA LYS A 178 -10.19 -1.86 -19.12
C LYS A 178 -9.82 -0.63 -19.99
N PRO A 179 -9.10 -0.85 -21.09
CA PRO A 179 -8.71 0.22 -21.97
C PRO A 179 -9.93 0.99 -22.47
N GLY A 180 -9.83 2.33 -22.49
CA GLY A 180 -10.96 3.21 -22.91
C GLY A 180 -11.81 3.78 -21.79
N ARG A 181 -11.79 3.11 -20.62
CA ARG A 181 -12.53 3.60 -19.42
C ARG A 181 -11.81 4.80 -18.81
N ALA A 182 -12.55 5.81 -18.33
CA ALA A 182 -11.97 6.94 -17.59
C ALA A 182 -11.37 6.39 -16.28
N LEU A 183 -10.19 6.91 -15.93
CA LEU A 183 -9.56 6.48 -14.70
C LEU A 183 -10.52 6.77 -13.52
N SER A 184 -11.36 7.80 -13.66
CA SER A 184 -12.29 8.26 -12.61
C SER A 184 -13.29 7.18 -12.17
N VAL A 185 -13.54 6.17 -13.02
CA VAL A 185 -14.53 5.16 -12.63
C VAL A 185 -14.10 4.39 -11.38
N ILE A 186 -12.78 4.30 -11.17
CA ILE A 186 -12.22 3.61 -10.00
C ILE A 186 -12.78 4.25 -8.71
N GLY A 187 -12.57 5.59 -8.56
CA GLY A 187 -13.04 6.33 -7.36
C GLY A 187 -14.59 6.30 -7.27
N ARG A 188 -15.25 6.41 -8.41
CA ARG A 188 -16.74 6.35 -8.47
C ARG A 188 -17.22 5.03 -7.87
N VAL A 189 -16.61 3.93 -8.33
CA VAL A 189 -17.02 2.59 -7.82
C VAL A 189 -16.68 2.46 -6.35
N ILE A 190 -15.48 2.89 -5.94
CA ILE A 190 -15.09 2.74 -4.51
C ILE A 190 -15.98 3.57 -3.58
N GLU A 191 -16.14 4.82 -3.89
CA GLU A 191 -16.93 5.67 -3.02
C GLU A 191 -18.40 5.33 -2.96
N SER A 192 -18.99 4.97 -4.10
CA SER A 192 -20.39 4.55 -4.11
C SER A 192 -20.61 3.31 -3.22
N TYR A 193 -19.78 2.29 -3.40
CA TYR A 193 -19.78 1.11 -2.52
C TYR A 193 -19.58 1.49 -1.02
N ALA A 194 -18.52 2.20 -0.67
CA ALA A 194 -18.29 2.63 0.71
C ALA A 194 -19.43 3.38 1.37
N ASN A 195 -19.98 4.35 0.64
CA ASN A 195 -21.12 5.14 1.09
C ASN A 195 -22.38 4.27 1.43
N ARG A 196 -22.54 3.11 0.85
CA ARG A 196 -23.63 2.19 1.28
C ARG A 196 -23.60 1.95 2.79
N PHE A 197 -22.40 1.94 3.39
CA PHE A 197 -22.24 1.56 4.81
C PHE A 197 -21.98 2.78 5.72
N GLY A 198 -22.07 3.97 5.12
CA GLY A 198 -21.79 5.19 5.82
C GLY A 198 -20.30 5.31 6.04
N TYR A 199 -19.45 4.56 5.29
CA TYR A 199 -17.97 4.82 5.47
C TYR A 199 -17.50 6.08 4.71
N ASN A 200 -16.35 6.60 5.11
CA ASN A 200 -15.72 7.74 4.40
C ASN A 200 -14.42 7.34 3.67
N VAL A 201 -14.27 7.69 2.38
CA VAL A 201 -13.04 7.36 1.61
C VAL A 201 -12.04 8.48 1.72
N VAL A 202 -10.83 8.14 2.14
CA VAL A 202 -9.76 9.07 2.31
C VAL A 202 -9.43 9.74 0.96
N ARG A 203 -9.24 11.06 0.99
CA ARG A 203 -9.04 11.83 -0.26
C ARG A 203 -7.62 12.32 -0.42
N ASP A 204 -6.96 12.65 0.70
CA ASP A 204 -5.60 13.23 0.58
C ASP A 204 -4.49 12.28 0.17
N PHE A 205 -4.73 10.98 0.32
CA PHE A 205 -3.77 9.95 -0.13
C PHE A 205 -4.40 9.21 -1.26
N THR A 206 -3.60 8.90 -2.29
CA THR A 206 -4.21 8.36 -3.54
C THR A 206 -3.42 7.15 -4.07
N GLY A 207 -3.94 6.49 -5.11
CA GLY A 207 -3.12 5.54 -5.86
C GLY A 207 -2.20 6.32 -6.81
N HIS A 208 -1.34 5.59 -7.52
CA HIS A 208 -0.26 6.29 -8.26
C HIS A 208 0.23 5.41 -9.42
N GLY A 209 0.64 6.05 -10.52
CA GLY A 209 1.38 5.35 -11.55
C GLY A 209 2.64 4.81 -10.90
N ILE A 210 3.15 3.74 -11.49
CA ILE A 210 4.33 3.12 -10.94
C ILE A 210 5.06 2.43 -12.07
N GLY A 211 6.40 2.44 -12.01
CA GLY A 211 7.16 1.86 -13.12
C GLY A 211 8.63 1.85 -12.77
N THR A 212 9.50 2.50 -13.56
CA THR A 212 10.89 2.68 -13.13
C THR A 212 10.98 3.61 -11.88
N THR A 213 9.89 4.35 -11.62
CA THR A 213 9.80 5.20 -10.45
C THR A 213 8.60 4.79 -9.60
N PHE A 214 8.65 5.07 -8.29
CA PHE A 214 7.66 4.52 -7.36
C PHE A 214 6.32 5.28 -7.53
N HIS A 215 6.39 6.62 -7.70
CA HIS A 215 5.18 7.49 -7.93
C HIS A 215 5.49 8.29 -9.16
N ASN A 216 4.97 7.91 -10.34
CA ASN A 216 5.45 8.48 -11.55
C ASN A 216 4.78 9.81 -11.96
N GLY A 217 3.81 10.27 -11.15
CA GLY A 217 3.12 11.53 -11.42
C GLY A 217 1.65 11.29 -11.79
N LEU A 218 1.32 10.13 -12.33
CA LEU A 218 -0.06 9.73 -12.51
C LEU A 218 -0.71 9.56 -11.12
N VAL A 219 -1.88 10.20 -10.91
CA VAL A 219 -2.59 10.13 -9.59
C VAL A 219 -3.89 9.34 -9.82
N VAL A 220 -4.20 8.40 -8.92
CA VAL A 220 -5.46 7.62 -9.07
C VAL A 220 -6.36 8.01 -7.84
N LEU A 221 -7.44 8.74 -8.05
CA LEU A 221 -8.28 9.14 -6.90
C LEU A 221 -9.20 8.00 -6.47
N HIS A 222 -9.41 7.80 -5.18
CA HIS A 222 -10.32 6.75 -4.71
C HIS A 222 -11.72 7.26 -4.37
N TYR A 223 -11.94 8.53 -4.60
CA TYR A 223 -13.28 9.13 -4.45
C TYR A 223 -13.77 9.55 -5.81
N ASP A 224 -15.05 9.93 -5.84
CA ASP A 224 -15.68 10.29 -7.08
C ASP A 224 -15.29 11.70 -7.53
N GLN A 225 -14.63 11.80 -8.70
CA GLN A 225 -14.34 13.13 -9.28
C GLN A 225 -14.25 12.96 -10.77
N PRO A 226 -15.41 13.02 -11.46
CA PRO A 226 -15.46 12.76 -12.88
C PRO A 226 -14.84 13.89 -13.75
N ALA A 227 -14.36 15.00 -13.14
CA ALA A 227 -13.71 15.98 -13.99
C ALA A 227 -12.32 15.50 -14.45
N VAL A 228 -11.77 14.46 -13.83
CA VAL A 228 -10.46 13.98 -14.32
C VAL A 228 -10.64 13.32 -15.70
N GLU A 229 -9.87 13.77 -16.70
CA GLU A 229 -10.14 13.29 -18.09
C GLU A 229 -9.29 12.03 -18.49
N THR A 230 -8.32 11.66 -17.62
CA THR A 230 -7.41 10.54 -17.95
C THR A 230 -8.10 9.24 -18.32
N ILE A 231 -7.72 8.64 -19.46
CA ILE A 231 -8.28 7.32 -19.84
C ILE A 231 -7.25 6.21 -19.62
N MET A 232 -7.76 5.00 -19.31
CA MET A 232 -6.91 3.83 -19.10
C MET A 232 -6.52 3.33 -20.49
N GLN A 233 -5.20 3.18 -20.73
CA GLN A 233 -4.68 2.69 -22.03
C GLN A 233 -3.81 1.48 -21.86
N PRO A 234 -3.80 0.55 -22.85
CA PRO A 234 -2.97 -0.65 -22.70
C PRO A 234 -1.50 -0.26 -22.39
N GLY A 235 -0.91 -0.96 -21.44
CA GLY A 235 0.45 -0.64 -21.07
C GLY A 235 0.59 0.26 -19.84
N MET A 236 -0.49 0.89 -19.41
CA MET A 236 -0.37 1.79 -18.23
C MET A 236 -0.27 0.90 -16.99
N THR A 237 0.53 1.32 -15.98
CA THR A 237 0.64 0.56 -14.76
C THR A 237 0.44 1.54 -13.61
N PHE A 238 -0.46 1.19 -12.71
CA PHE A 238 -0.76 2.08 -11.59
C PHE A 238 -1.34 1.24 -10.45
N THR A 239 -1.47 1.88 -9.26
CA THR A 239 -1.99 1.15 -8.10
C THR A 239 -3.43 1.59 -7.87
N ILE A 240 -4.19 0.68 -7.30
CA ILE A 240 -5.49 1.02 -6.68
C ILE A 240 -5.30 0.61 -5.23
N GLU A 241 -5.58 1.57 -4.36
CA GLU A 241 -5.17 1.41 -2.91
C GLU A 241 -6.04 2.23 -1.94
N PRO A 242 -7.38 2.02 -2.00
CA PRO A 242 -8.28 2.89 -1.21
C PRO A 242 -8.14 2.70 0.32
N MET A 243 -8.11 3.82 1.03
CA MET A 243 -8.18 3.82 2.53
C MET A 243 -9.57 4.25 2.90
N ILE A 244 -10.24 3.40 3.69
CA ILE A 244 -11.65 3.64 3.99
C ILE A 244 -11.83 3.74 5.50
N ASN A 245 -12.58 4.75 5.96
CA ASN A 245 -12.57 5.15 7.36
C ASN A 245 -13.93 4.84 7.93
N LEU A 246 -13.94 4.32 9.16
CA LEU A 246 -15.22 4.20 9.87
C LEU A 246 -15.72 5.58 10.36
N GLY A 247 -14.79 6.46 10.69
CA GLY A 247 -15.17 7.78 11.20
C GLY A 247 -14.90 8.87 10.20
N ALA A 248 -14.56 10.02 10.72
CA ALA A 248 -14.34 11.21 9.90
C ALA A 248 -13.00 11.19 9.20
N LEU A 249 -12.91 11.96 8.13
CA LEU A 249 -11.64 12.05 7.40
C LEU A 249 -10.49 12.84 8.06
N ASP A 250 -10.76 13.66 9.09
CA ASP A 250 -9.70 14.47 9.66
C ASP A 250 -8.54 13.60 10.22
N TYR A 251 -7.30 14.04 10.03
CA TYR A 251 -6.17 13.23 10.47
C TYR A 251 -5.09 14.07 11.04
N GLU A 252 -4.12 13.44 11.67
CA GLU A 252 -2.94 14.13 12.25
C GLU A 252 -1.73 13.28 11.96
N ILE A 253 -0.55 13.88 12.00
CA ILE A 253 0.68 13.15 11.80
C ILE A 253 1.44 13.13 13.13
N TRP A 254 1.97 11.97 13.53
CA TRP A 254 2.84 11.87 14.72
C TRP A 254 4.12 12.65 14.60
N ASP A 255 4.76 12.86 15.76
CA ASP A 255 6.03 13.56 15.79
C ASP A 255 7.11 12.93 14.97
N ASP A 256 6.99 11.61 14.74
CA ASP A 256 7.96 10.93 13.85
C ASP A 256 7.88 11.50 12.42
N GLY A 257 6.82 12.25 12.11
CA GLY A 257 6.65 12.91 10.79
C GLY A 257 6.07 11.97 9.72
N TRP A 258 5.79 10.72 10.09
CA TRP A 258 5.35 9.70 9.10
C TRP A 258 3.99 9.14 9.44
N THR A 259 3.75 8.80 10.73
CA THR A 259 2.57 8.01 11.06
C THR A 259 1.32 8.88 10.95
N VAL A 260 0.37 8.46 10.11
CA VAL A 260 -0.82 9.30 9.85
C VAL A 260 -1.96 8.67 10.58
N VAL A 261 -2.52 9.38 11.57
CA VAL A 261 -3.67 8.75 12.30
C VAL A 261 -4.99 9.50 12.17
N THR A 262 -6.12 8.80 12.24
CA THR A 262 -7.44 9.46 12.28
C THR A 262 -7.50 10.36 13.57
N LYS A 263 -8.06 11.55 13.42
CA LYS A 263 -8.16 12.46 14.58
C LYS A 263 -9.18 11.93 15.60
N ASP A 264 -10.24 11.27 15.19
CA ASP A 264 -11.17 10.73 16.17
C ASP A 264 -10.85 9.29 16.61
N ARG A 265 -9.71 8.75 16.11
CA ARG A 265 -9.17 7.42 16.51
C ARG A 265 -10.07 6.29 16.11
N LYS A 266 -11.02 6.55 15.24
CA LYS A 266 -11.76 5.44 14.70
C LYS A 266 -10.90 4.70 13.60
N TRP A 267 -11.18 3.41 13.39
CA TRP A 267 -10.25 2.54 12.65
C TRP A 267 -10.47 2.70 11.14
N THR A 268 -9.47 2.26 10.39
CA THR A 268 -9.39 2.50 8.93
C THR A 268 -8.67 1.29 8.32
N ALA A 269 -9.05 0.93 7.10
CA ALA A 269 -8.51 -0.27 6.42
C ALA A 269 -8.13 0.09 4.97
N GLN A 270 -7.18 -0.65 4.43
CA GLN A 270 -6.65 -0.38 3.07
C GLN A 270 -6.25 -1.71 2.45
N PHE A 271 -6.45 -1.83 1.14
CA PHE A 271 -5.80 -2.88 0.33
C PHE A 271 -5.14 -2.21 -0.91
N GLU A 272 -4.17 -2.88 -1.50
CA GLU A 272 -3.47 -2.24 -2.68
C GLU A 272 -2.90 -3.31 -3.60
N HIS A 273 -3.09 -3.11 -4.92
CA HIS A 273 -2.37 -3.89 -5.90
C HIS A 273 -1.79 -2.94 -6.96
N THR A 274 -0.73 -3.39 -7.61
CA THR A 274 -0.17 -2.74 -8.80
C THR A 274 -0.80 -3.49 -10.00
N LEU A 275 -1.37 -2.72 -10.91
CA LEU A 275 -2.12 -3.24 -11.99
C LEU A 275 -1.52 -2.83 -13.32
N LEU A 276 -1.75 -3.66 -14.34
CA LEU A 276 -1.40 -3.34 -15.74
C LEU A 276 -2.71 -3.31 -16.55
N VAL A 277 -2.91 -2.28 -17.38
CA VAL A 277 -4.07 -2.26 -18.27
C VAL A 277 -3.61 -3.05 -19.50
N THR A 278 -4.37 -4.06 -19.84
CA THR A 278 -3.96 -4.90 -20.96
C THR A 278 -4.84 -4.52 -22.18
N ASP A 279 -4.68 -5.22 -23.31
CA ASP A 279 -5.57 -4.91 -24.47
C ASP A 279 -7.05 -5.22 -24.26
N THR A 280 -7.40 -6.07 -23.31
CA THR A 280 -8.80 -6.48 -23.11
C THR A 280 -9.34 -6.10 -21.72
N GLY A 281 -8.43 -5.81 -20.75
CA GLY A 281 -8.91 -5.68 -19.37
C GLY A 281 -7.72 -5.30 -18.45
N VAL A 282 -7.50 -6.11 -17.43
CA VAL A 282 -6.46 -5.83 -16.36
C VAL A 282 -5.66 -7.07 -16.03
N GLU A 283 -4.43 -6.85 -15.58
CA GLU A 283 -3.63 -7.96 -15.05
C GLU A 283 -3.14 -7.43 -13.72
N ILE A 284 -3.34 -8.20 -12.63
CA ILE A 284 -2.76 -7.80 -11.35
C ILE A 284 -1.27 -8.22 -11.36
N LEU A 285 -0.35 -7.29 -11.17
CA LEU A 285 1.06 -7.64 -11.23
C LEU A 285 1.54 -8.12 -9.87
N THR A 286 0.90 -7.67 -8.81
CA THR A 286 1.31 -8.08 -7.42
C THR A 286 0.50 -9.31 -6.97
N CYS A 287 0.57 -10.38 -7.80
CA CYS A 287 -0.08 -11.66 -7.56
C CYS A 287 0.98 -12.69 -7.24
N LEU A 288 0.66 -13.68 -6.38
CA LEU A 288 1.56 -14.84 -6.25
C LEU A 288 1.57 -15.75 -7.49
#